data_5W2S
#
_entry.id   5W2S
#
_cell.length_a   77.038
_cell.length_b   77.038
_cell.length_c   145.807
_cell.angle_alpha   90.000
_cell.angle_beta   90.000
_cell.angle_gamma   120.000
#
_symmetry.space_group_name_H-M   'P 31 2 1'
#
loop_
_entity.id
_entity.type
_entity.pdbx_description
1 polymer '3-oxoacyl-[acyl-carrier-protein] synthase 1'
2 non-polymer 'SODIUM ION'
3 non-polymer 'ISOPROPYL ALCOHOL'
4 non-polymer GLYCEROL
5 non-polymer N-(3-methyl-2H-indazol-5-yl)butane-1-sulfonamide
6 water water
#
_entity_poly.entity_id   1
_entity_poly.type   'polypeptide(L)'
_entity_poly.pdbx_seq_one_letter_code
;MGSSHHHHHHSSGLVPRGSHMASVSQPSTANGGFPSVVVTAVTATTSISPDIESTWKGLLAGESGIHALEDEFVTKWDLA
VKIGGHLKDPVDSHMGRLDMRRMSYVQRMGKLLGGQLWESAGSPEVDPDRFAVVVGTGLGGAERIVESYDLMNAGGPRKV
SPLAVQMIMPNGAAAVIGLQLGARAGVMTPVSACSSGSEAIAHAWRQIVMGDADVAVCGGVEGPIEALPIAAFSMMRAMS
TRNDEPERASRPFDKDRDGFVFGEAGALMLIETEEHAKARGAKPLARLLGAGITSDAFHMVAPAADGVRAGRAMTRSLEL
AGLSPADIDHVNAHGTATPIGDAAEANAIRVAGCDQAAVYAPKSALGHSIGAVGALESVLTVLTLRDGVIPPTLNYETPD
PEIDLDVVAGEPRYGDYRYAVNNSFGFGGHNVALAFGRY
;
_entity_poly.pdbx_strand_id   A
#
# COMPACT_ATOMS: atom_id res chain seq x y z
N GLN A 26 7.70 29.04 -8.13
CA GLN A 26 6.84 27.86 -8.05
C GLN A 26 6.80 27.31 -6.62
N PRO A 27 5.60 27.04 -6.11
CA PRO A 27 5.46 26.61 -4.72
C PRO A 27 6.01 25.22 -4.49
N SER A 28 6.44 24.97 -3.25
CA SER A 28 6.93 23.68 -2.82
C SER A 28 6.80 23.59 -1.31
N THR A 29 7.11 22.42 -0.76
CA THR A 29 7.04 22.23 0.69
C THR A 29 8.16 23.01 1.39
N ALA A 30 9.34 23.07 0.77
CA ALA A 30 10.49 23.69 1.41
C ALA A 30 10.34 25.21 1.48
N ASN A 31 9.93 25.84 0.38
CA ASN A 31 9.86 27.29 0.34
C ASN A 31 8.59 27.85 0.97
N GLY A 32 7.71 27.01 1.51
CA GLY A 32 6.50 27.47 2.15
C GLY A 32 5.30 27.62 1.26
N GLY A 33 5.44 27.33 -0.04
CA GLY A 33 4.29 27.41 -0.93
C GLY A 33 3.21 26.39 -0.59
N PHE A 34 3.60 25.29 0.04
CA PHE A 34 2.69 24.27 0.55
C PHE A 34 2.78 24.21 2.06
N PRO A 35 1.65 24.07 2.76
CA PRO A 35 1.72 23.91 4.21
C PRO A 35 2.37 22.58 4.57
N SER A 36 3.13 22.59 5.66
CA SER A 36 3.80 21.38 6.12
C SER A 36 2.78 20.36 6.59
N VAL A 37 2.83 19.17 6.01
CA VAL A 37 1.92 18.08 6.36
C VAL A 37 2.74 16.98 7.01
N VAL A 38 2.22 16.43 8.12
CA VAL A 38 2.92 15.43 8.90
C VAL A 38 2.02 14.21 9.10
N VAL A 39 2.66 13.07 9.33
CA VAL A 39 1.97 11.82 9.64
C VAL A 39 1.96 11.66 11.15
N THR A 40 0.76 11.52 11.73
CA THR A 40 0.61 11.45 13.18
C THR A 40 0.14 10.11 13.71
N ALA A 41 -0.41 9.24 12.86
CA ALA A 41 -0.85 7.93 13.30
C ALA A 41 -0.84 6.99 12.10
N VAL A 42 -0.57 5.71 12.37
CA VAL A 42 -0.52 4.67 11.35
C VAL A 42 -1.17 3.40 11.91
N THR A 43 -1.76 2.62 11.02
CA THR A 43 -2.35 1.35 11.40
CA THR A 43 -2.37 1.36 11.39
C THR A 43 -2.30 0.42 10.19
N ALA A 44 -2.10 -0.87 10.46
CA ALA A 44 -2.04 -1.83 9.38
C ALA A 44 -2.30 -3.23 9.92
N THR A 45 -2.94 -4.05 9.10
CA THR A 45 -3.04 -5.48 9.34
C THR A 45 -2.34 -6.20 8.19
N THR A 46 -1.45 -7.13 8.52
CA THR A 46 -0.59 -7.76 7.54
C THR A 46 -0.55 -9.27 7.77
N SER A 47 0.16 -9.97 6.89
CA SER A 47 0.35 -11.40 7.06
C SER A 47 1.28 -11.73 8.23
N ILE A 48 1.98 -10.74 8.79
CA ILE A 48 2.86 -10.98 9.92
C ILE A 48 2.13 -10.76 11.25
N SER A 49 1.35 -9.67 11.37
CA SER A 49 0.73 -9.32 12.64
C SER A 49 -0.44 -8.40 12.38
N PRO A 50 -1.45 -8.37 13.27
CA PRO A 50 -2.48 -7.32 13.18
C PRO A 50 -2.05 -5.97 13.71
N ASP A 51 -0.96 -5.91 14.47
N ASP A 51 -0.96 -5.91 14.48
CA ASP A 51 -0.44 -4.65 15.00
CA ASP A 51 -0.44 -4.65 15.00
C ASP A 51 0.74 -4.20 14.16
C ASP A 51 0.74 -4.20 14.14
N ILE A 52 0.72 -2.92 13.75
CA ILE A 52 1.77 -2.41 12.88
C ILE A 52 3.14 -2.43 13.56
N GLU A 53 3.19 -2.18 14.87
CA GLU A 53 4.47 -2.19 15.56
C GLU A 53 5.04 -3.61 15.69
N SER A 54 4.16 -4.60 15.89
CA SER A 54 4.62 -5.99 15.88
C SER A 54 5.06 -6.42 14.48
N THR A 55 4.37 -5.92 13.45
CA THR A 55 4.80 -6.19 12.07
C THR A 55 6.18 -5.60 11.82
N TRP A 56 6.40 -4.37 12.27
CA TRP A 56 7.69 -3.71 12.12
C TRP A 56 8.79 -4.52 12.82
N LYS A 57 8.53 -4.97 14.05
CA LYS A 57 9.51 -5.78 14.78
C LYS A 57 9.81 -7.06 14.03
N GLY A 58 8.78 -7.73 13.51
CA GLY A 58 9.00 -8.95 12.75
C GLY A 58 9.82 -8.72 11.50
N LEU A 59 9.55 -7.62 10.80
CA LEU A 59 10.33 -7.29 9.61
C LEU A 59 11.81 -7.13 9.94
N LEU A 60 12.12 -6.54 11.09
CA LEU A 60 13.51 -6.36 11.49
C LEU A 60 14.15 -7.69 11.91
N ALA A 61 13.36 -8.62 12.46
CA ALA A 61 13.88 -9.93 12.82
C ALA A 61 13.97 -10.87 11.63
N GLY A 62 13.67 -10.40 10.42
CA GLY A 62 13.74 -11.26 9.25
C GLY A 62 12.58 -12.21 9.07
N GLU A 63 11.46 -11.96 9.75
CA GLU A 63 10.31 -12.83 9.61
C GLU A 63 9.66 -12.64 8.24
N SER A 64 8.93 -13.66 7.81
CA SER A 64 8.14 -13.59 6.59
C SER A 64 6.70 -13.99 6.89
N GLY A 65 5.77 -13.37 6.19
CA GLY A 65 4.37 -13.75 6.30
C GLY A 65 3.91 -14.75 5.28
N ILE A 66 4.78 -15.15 4.37
CA ILE A 66 4.42 -16.02 3.26
C ILE A 66 4.61 -17.48 3.68
N HIS A 67 3.55 -18.27 3.63
CA HIS A 67 3.58 -19.66 4.00
C HIS A 67 2.95 -20.49 2.88
N ALA A 68 2.84 -21.79 3.12
CA ALA A 68 2.10 -22.66 2.21
C ALA A 68 0.62 -22.47 2.45
N LEU A 69 -0.14 -22.29 1.37
CA LEU A 69 -1.57 -22.07 1.48
C LEU A 69 -2.27 -23.35 1.92
N GLU A 70 -2.93 -23.29 3.08
CA GLU A 70 -3.63 -24.44 3.62
C GLU A 70 -5.10 -24.48 3.23
N ASP A 71 -5.56 -23.54 2.42
CA ASP A 71 -6.95 -23.54 1.99
C ASP A 71 -7.22 -24.70 1.03
N GLU A 72 -8.49 -25.11 0.98
CA GLU A 72 -8.88 -26.24 0.13
C GLU A 72 -8.91 -25.86 -1.34
N PHE A 73 -9.07 -24.58 -1.68
CA PHE A 73 -9.11 -24.21 -3.09
C PHE A 73 -7.78 -24.44 -3.80
N VAL A 74 -6.69 -24.58 -3.05
CA VAL A 74 -5.41 -24.89 -3.67
C VAL A 74 -5.40 -26.30 -4.24
N THR A 75 -5.86 -27.27 -3.45
CA THR A 75 -5.95 -28.64 -3.93
C THR A 75 -7.18 -28.89 -4.78
N LYS A 76 -8.23 -28.09 -4.62
CA LYS A 76 -9.44 -28.26 -5.42
C LYS A 76 -9.16 -27.98 -6.89
N TRP A 77 -8.39 -26.92 -7.18
CA TRP A 77 -8.06 -26.57 -8.56
C TRP A 77 -6.64 -26.96 -8.95
N ASP A 78 -5.83 -27.44 -8.01
CA ASP A 78 -4.42 -27.74 -8.25
C ASP A 78 -3.72 -26.54 -8.90
N LEU A 79 -3.75 -25.43 -8.20
CA LEU A 79 -3.21 -24.19 -8.71
C LEU A 79 -1.69 -24.28 -8.85
N ALA A 80 -1.16 -23.55 -9.84
CA ALA A 80 0.29 -23.48 -9.99
C ALA A 80 0.94 -22.77 -8.81
N VAL A 81 0.25 -21.79 -8.22
CA VAL A 81 0.73 -21.08 -7.04
C VAL A 81 0.10 -21.72 -5.81
N LYS A 82 0.94 -22.17 -4.88
CA LYS A 82 0.49 -22.79 -3.64
C LYS A 82 0.96 -22.04 -2.41
N ILE A 83 1.44 -20.80 -2.57
CA ILE A 83 2.03 -20.03 -1.48
C ILE A 83 1.34 -18.67 -1.38
N GLY A 84 1.51 -18.05 -0.23
CA GLY A 84 0.91 -16.75 0.00
C GLY A 84 0.86 -16.45 1.48
N GLY A 85 0.50 -15.20 1.77
CA GLY A 85 0.36 -14.76 3.14
C GLY A 85 -1.03 -14.24 3.48
N HIS A 86 -1.85 -15.09 4.10
CA HIS A 86 -3.10 -14.63 4.66
C HIS A 86 -2.83 -13.70 5.84
N LEU A 87 -3.80 -12.85 6.13
CA LEU A 87 -3.69 -11.96 7.30
C LEU A 87 -3.44 -12.80 8.55
N LYS A 88 -2.47 -12.37 9.37
CA LYS A 88 -2.19 -13.09 10.60
C LYS A 88 -3.42 -13.16 11.49
N ASP A 89 -4.16 -12.06 11.59
CA ASP A 89 -5.41 -12.01 12.33
C ASP A 89 -6.55 -11.71 11.35
N PRO A 90 -7.38 -12.69 11.00
CA PRO A 90 -8.40 -12.47 9.98
C PRO A 90 -9.36 -11.35 10.36
N VAL A 91 -9.79 -10.60 9.34
CA VAL A 91 -10.70 -9.47 9.55
C VAL A 91 -12.00 -9.94 10.17
N ASP A 92 -12.58 -11.02 9.64
CA ASP A 92 -13.91 -11.44 10.07
C ASP A 92 -13.93 -11.97 11.49
N SER A 93 -12.78 -12.29 12.08
CA SER A 93 -12.76 -12.69 13.48
C SER A 93 -13.13 -11.53 14.40
N HIS A 94 -13.11 -10.30 13.89
CA HIS A 94 -13.59 -9.13 14.62
C HIS A 94 -14.97 -8.68 14.15
N MET A 95 -15.68 -9.51 13.41
CA MET A 95 -16.93 -9.11 12.77
C MET A 95 -18.08 -9.99 13.26
N GLY A 96 -19.10 -9.35 13.84
CA GLY A 96 -20.29 -10.06 14.26
C GLY A 96 -21.22 -10.33 13.11
N ARG A 97 -22.39 -10.89 13.45
CA ARG A 97 -23.36 -11.26 12.43
C ARG A 97 -23.88 -10.04 11.67
N LEU A 98 -24.10 -8.93 12.38
CA LEU A 98 -24.61 -7.72 11.74
C LEU A 98 -23.64 -7.21 10.68
N ASP A 99 -22.37 -7.08 11.04
CA ASP A 99 -21.37 -6.59 10.09
C ASP A 99 -21.17 -7.57 8.95
N MET A 100 -21.37 -8.87 9.18
CA MET A 100 -21.06 -9.86 8.16
C MET A 100 -22.04 -9.85 7.00
N ARG A 101 -23.23 -9.28 7.19
CA ARG A 101 -24.26 -9.30 6.15
C ARG A 101 -24.60 -7.93 5.60
N ARG A 102 -24.03 -6.85 6.15
CA ARG A 102 -24.31 -5.51 5.66
C ARG A 102 -23.06 -4.80 5.13
N MET A 103 -21.93 -5.50 4.99
CA MET A 103 -20.70 -4.90 4.50
C MET A 103 -19.90 -5.91 3.69
N SER A 104 -19.31 -5.44 2.60
CA SER A 104 -18.36 -6.25 1.86
C SER A 104 -17.07 -6.41 2.65
N TYR A 105 -16.17 -7.27 2.15
CA TYR A 105 -14.91 -7.51 2.86
C TYR A 105 -14.11 -6.22 3.02
N VAL A 106 -13.89 -5.50 1.92
CA VAL A 106 -13.06 -4.30 2.00
C VAL A 106 -13.70 -3.27 2.92
N GLN A 107 -15.04 -3.27 3.03
CA GLN A 107 -15.69 -2.35 3.97
C GLN A 107 -15.46 -2.79 5.41
N ARG A 108 -15.53 -4.10 5.67
CA ARG A 108 -15.24 -4.59 7.01
C ARG A 108 -13.79 -4.31 7.40
N MET A 109 -12.85 -4.54 6.49
CA MET A 109 -11.47 -4.21 6.78
C MET A 109 -11.30 -2.70 6.99
N GLY A 110 -11.98 -1.90 6.16
CA GLY A 110 -11.90 -0.46 6.33
C GLY A 110 -12.43 0.01 7.67
N LYS A 111 -13.55 -0.57 8.12
CA LYS A 111 -14.11 -0.21 9.41
C LYS A 111 -13.17 -0.58 10.56
N LEU A 112 -12.60 -1.78 10.52
CA LEU A 112 -11.72 -2.19 11.60
C LEU A 112 -10.45 -1.34 11.64
N LEU A 113 -9.85 -1.10 10.47
CA LEU A 113 -8.65 -0.27 10.42
C LEU A 113 -8.95 1.17 10.79
N GLY A 114 -10.06 1.71 10.29
CA GLY A 114 -10.43 3.08 10.64
C GLY A 114 -10.64 3.27 12.13
N GLY A 115 -11.23 2.27 12.78
CA GLY A 115 -11.43 2.36 14.23
C GLY A 115 -10.13 2.27 14.99
N GLN A 116 -9.23 1.36 14.59
CA GLN A 116 -7.94 1.25 15.26
C GLN A 116 -7.09 2.49 15.05
N LEU A 117 -7.16 3.08 13.85
CA LEU A 117 -6.36 4.27 13.58
C LEU A 117 -6.79 5.44 14.45
N TRP A 118 -8.11 5.63 14.61
CA TRP A 118 -8.59 6.76 15.41
C TRP A 118 -8.20 6.61 16.87
N GLU A 119 -8.34 5.41 17.43
CA GLU A 119 -7.93 5.18 18.81
C GLU A 119 -6.43 5.42 18.98
N SER A 120 -5.62 4.98 17.99
CA SER A 120 -4.19 5.19 18.08
C SER A 120 -3.81 6.67 18.04
N ALA A 121 -4.61 7.49 17.36
CA ALA A 121 -4.35 8.92 17.27
C ALA A 121 -4.85 9.69 18.50
N GLY A 122 -5.28 8.99 19.55
CA GLY A 122 -5.84 9.64 20.71
C GLY A 122 -7.31 10.00 20.58
N SER A 123 -8.01 9.43 19.61
CA SER A 123 -9.41 9.76 19.31
C SER A 123 -9.65 11.26 19.27
N PRO A 124 -8.92 12.01 18.44
CA PRO A 124 -9.06 13.46 18.44
C PRO A 124 -10.41 13.90 17.92
N GLU A 125 -10.81 15.10 18.32
CA GLU A 125 -12.07 15.70 17.89
C GLU A 125 -11.73 16.85 16.95
N VAL A 126 -11.79 16.58 15.66
CA VAL A 126 -11.42 17.53 14.64
C VAL A 126 -12.68 18.13 14.04
N ASP A 127 -12.51 19.17 13.24
CA ASP A 127 -13.62 19.77 12.53
C ASP A 127 -14.06 18.84 11.40
N PRO A 128 -15.29 18.31 11.43
CA PRO A 128 -15.73 17.43 10.33
C PRO A 128 -15.62 18.08 8.96
N ASP A 129 -15.84 19.40 8.88
CA ASP A 129 -15.78 20.10 7.60
C ASP A 129 -14.35 20.29 7.09
N ARG A 130 -13.35 19.98 7.92
CA ARG A 130 -11.95 20.01 7.49
C ARG A 130 -11.32 18.63 7.52
N PHE A 131 -12.14 17.58 7.50
CA PHE A 131 -11.69 16.20 7.66
C PHE A 131 -12.03 15.42 6.39
N ALA A 132 -11.01 14.91 5.72
CA ALA A 132 -11.16 14.18 4.47
C ALA A 132 -10.76 12.72 4.65
N VAL A 133 -11.27 11.88 3.76
CA VAL A 133 -10.92 10.46 3.71
C VAL A 133 -10.65 10.10 2.25
N VAL A 134 -9.49 9.48 2.01
CA VAL A 134 -9.10 9.01 0.68
C VAL A 134 -8.57 7.60 0.85
N VAL A 135 -9.32 6.60 0.41
CA VAL A 135 -8.95 5.20 0.61
C VAL A 135 -9.05 4.51 -0.74
N GLY A 136 -7.91 4.01 -1.23
CA GLY A 136 -7.89 3.31 -2.48
C GLY A 136 -8.14 1.83 -2.32
N THR A 137 -8.49 1.18 -3.42
CA THR A 137 -8.70 -0.25 -3.42
C THR A 137 -8.56 -0.72 -4.86
N GLY A 138 -8.32 -2.02 -5.02
CA GLY A 138 -8.03 -2.54 -6.35
C GLY A 138 -9.26 -2.94 -7.13
N LEU A 139 -10.33 -3.30 -6.43
CA LEU A 139 -11.51 -3.85 -7.10
C LEU A 139 -12.79 -3.31 -6.48
N GLY A 140 -13.03 -3.60 -5.20
CA GLY A 140 -14.22 -3.16 -4.52
C GLY A 140 -14.88 -4.33 -3.83
N GLY A 141 -16.18 -4.20 -3.59
CA GLY A 141 -16.94 -5.26 -2.95
C GLY A 141 -17.40 -6.30 -3.96
N ALA A 142 -16.45 -6.89 -4.68
CA ALA A 142 -16.79 -7.72 -5.84
C ALA A 142 -17.50 -9.00 -5.46
N GLU A 143 -17.18 -9.60 -4.32
CA GLU A 143 -17.82 -10.83 -3.92
C GLU A 143 -19.32 -10.64 -3.69
N ARG A 144 -19.76 -9.43 -3.39
CA ARG A 144 -21.19 -9.18 -3.23
C ARG A 144 -21.92 -9.12 -4.57
N ILE A 145 -21.19 -8.94 -5.68
CA ILE A 145 -21.81 -9.01 -6.99
C ILE A 145 -22.29 -10.43 -7.28
N VAL A 146 -21.44 -11.42 -7.00
CA VAL A 146 -21.82 -12.81 -7.25
C VAL A 146 -22.90 -13.25 -6.28
N GLU A 147 -22.88 -12.75 -5.05
CA GLU A 147 -23.91 -13.12 -4.08
C GLU A 147 -25.28 -12.63 -4.53
N SER A 148 -25.37 -11.37 -4.97
CA SER A 148 -26.62 -10.86 -5.52
C SER A 148 -26.96 -11.54 -6.84
N TYR A 149 -25.93 -11.92 -7.62
CA TYR A 149 -26.15 -12.70 -8.83
C TYR A 149 -26.86 -14.02 -8.51
N ASP A 150 -26.38 -14.73 -7.49
CA ASP A 150 -26.98 -16.01 -7.13
C ASP A 150 -28.32 -15.83 -6.42
N LEU A 151 -28.42 -14.81 -5.56
CA LEU A 151 -29.67 -14.59 -4.84
C LEU A 151 -30.82 -14.26 -5.80
N MET A 152 -30.52 -13.63 -6.93
CA MET A 152 -31.56 -13.30 -7.89
C MET A 152 -31.94 -14.52 -8.74
N ASN A 153 -30.97 -15.38 -9.05
CA ASN A 153 -31.28 -16.60 -9.80
C ASN A 153 -32.16 -17.55 -8.99
N ALA A 154 -32.07 -17.49 -7.66
CA ALA A 154 -32.81 -18.39 -6.79
C ALA A 154 -34.21 -17.88 -6.49
N GLY A 155 -34.32 -16.65 -5.98
CA GLY A 155 -35.61 -16.14 -5.53
C GLY A 155 -36.15 -14.96 -6.31
N GLY A 156 -35.46 -14.55 -7.37
CA GLY A 156 -35.93 -13.47 -8.20
C GLY A 156 -35.34 -12.12 -7.79
N PRO A 157 -35.83 -11.05 -8.43
CA PRO A 157 -35.25 -9.72 -8.16
C PRO A 157 -35.47 -9.22 -6.75
N ARG A 158 -36.50 -9.70 -6.04
CA ARG A 158 -36.79 -9.23 -4.70
C ARG A 158 -35.99 -9.94 -3.62
N LYS A 159 -35.18 -10.94 -3.97
CA LYS A 159 -34.26 -11.57 -3.04
C LYS A 159 -32.91 -10.90 -3.01
N VAL A 160 -32.76 -9.77 -3.70
CA VAL A 160 -31.55 -8.96 -3.65
C VAL A 160 -31.69 -7.95 -2.52
N SER A 161 -30.66 -7.85 -1.69
CA SER A 161 -30.74 -7.02 -0.50
C SER A 161 -30.84 -5.54 -0.90
N PRO A 162 -31.62 -4.74 -0.15
CA PRO A 162 -31.58 -3.29 -0.36
C PRO A 162 -30.24 -2.65 -0.03
N LEU A 163 -29.31 -3.41 0.55
CA LEU A 163 -27.97 -2.93 0.86
C LEU A 163 -26.96 -3.32 -0.21
N ALA A 164 -27.40 -3.97 -1.30
CA ALA A 164 -26.46 -4.48 -2.29
C ALA A 164 -25.65 -3.35 -2.92
N VAL A 165 -26.30 -2.22 -3.21
CA VAL A 165 -25.61 -1.11 -3.89
C VAL A 165 -24.47 -0.58 -3.03
N GLN A 166 -24.76 -0.28 -1.76
CA GLN A 166 -23.74 0.29 -0.88
C GLN A 166 -22.65 -0.70 -0.51
N MET A 167 -22.88 -2.01 -0.70
CA MET A 167 -21.84 -3.01 -0.50
C MET A 167 -21.00 -3.24 -1.74
N ILE A 168 -21.58 -3.12 -2.93
CA ILE A 168 -20.88 -3.43 -4.16
C ILE A 168 -19.99 -2.28 -4.59
N MET A 169 -20.48 -1.04 -4.44
CA MET A 169 -19.80 0.11 -5.02
C MET A 169 -18.36 0.22 -4.52
N PRO A 170 -17.38 0.42 -5.41
CA PRO A 170 -15.98 0.43 -4.98
C PRO A 170 -15.65 1.54 -3.99
N ASN A 171 -16.38 2.65 -4.02
CA ASN A 171 -16.23 3.70 -3.03
C ASN A 171 -16.74 3.30 -1.66
N GLY A 172 -17.20 2.05 -1.49
CA GLY A 172 -17.87 1.67 -0.26
C GLY A 172 -16.97 1.69 0.96
N ALA A 173 -15.74 1.19 0.81
CA ALA A 173 -14.82 1.18 1.94
C ALA A 173 -14.55 2.59 2.45
N ALA A 174 -14.21 3.51 1.55
CA ALA A 174 -13.96 4.89 1.97
C ALA A 174 -15.22 5.52 2.55
N ALA A 175 -16.38 5.23 1.95
CA ALA A 175 -17.63 5.79 2.46
C ALA A 175 -17.93 5.29 3.87
N VAL A 176 -17.65 4.01 4.14
CA VAL A 176 -17.82 3.48 5.49
C VAL A 176 -16.91 4.20 6.48
N ILE A 177 -15.65 4.41 6.11
CA ILE A 177 -14.70 5.05 7.01
C ILE A 177 -15.07 6.51 7.24
N GLY A 178 -15.46 7.22 6.18
CA GLY A 178 -15.90 8.59 6.35
C GLY A 178 -17.13 8.71 7.23
N LEU A 179 -18.06 7.77 7.07
CA LEU A 179 -19.27 7.79 7.87
C LEU A 179 -18.97 7.45 9.33
N GLN A 180 -18.05 6.50 9.55
CA GLN A 180 -17.71 6.10 10.91
C GLN A 180 -16.94 7.20 11.63
N LEU A 181 -16.01 7.87 10.94
CA LEU A 181 -15.19 8.91 11.56
C LEU A 181 -15.79 10.31 11.42
N GLY A 182 -16.78 10.50 10.56
CA GLY A 182 -17.38 11.82 10.39
C GLY A 182 -16.59 12.77 9.52
N ALA A 183 -16.07 12.31 8.39
CA ALA A 183 -15.28 13.14 7.50
C ALA A 183 -16.20 13.79 6.47
N ARG A 184 -16.20 15.13 6.44
CA ARG A 184 -17.11 15.87 5.57
C ARG A 184 -16.38 16.80 4.61
N ALA A 185 -15.05 16.77 4.58
CA ALA A 185 -14.27 17.52 3.60
C ALA A 185 -13.88 16.67 2.40
N GLY A 186 -14.64 15.62 2.11
CA GLY A 186 -14.30 14.81 0.94
C GLY A 186 -14.03 13.35 1.30
N VAL A 187 -14.67 12.45 0.56
CA VAL A 187 -14.45 11.02 0.68
C VAL A 187 -14.19 10.49 -0.72
N MET A 188 -12.94 10.07 -0.98
CA MET A 188 -12.51 9.74 -2.34
C MET A 188 -11.90 8.34 -2.41
N THR A 189 -12.09 7.70 -3.54
CA THR A 189 -11.61 6.34 -3.79
C THR A 189 -10.88 6.33 -5.13
N PRO A 190 -9.56 6.43 -5.13
CA PRO A 190 -8.81 6.26 -6.38
C PRO A 190 -8.54 4.78 -6.64
N VAL A 191 -8.62 4.39 -7.91
CA VAL A 191 -8.38 3.02 -8.32
C VAL A 191 -7.26 3.02 -9.36
N SER A 192 -6.15 2.38 -9.04
CA SER A 192 -5.04 2.26 -9.98
C SER A 192 -4.20 1.02 -9.65
N ALA A 193 -4.87 -0.10 -9.40
CA ALA A 193 -4.24 -1.41 -9.18
C ALA A 193 -3.23 -1.27 -8.05
N CYS A 194 -1.95 -1.59 -8.26
CA CYS A 194 -0.95 -1.65 -7.20
C CYS A 194 -0.62 -0.29 -6.61
N SER A 195 -0.99 0.80 -7.29
CA SER A 195 -0.71 2.15 -6.80
CA SER A 195 -0.71 2.15 -6.80
C SER A 195 -1.90 2.80 -6.11
N SER A 196 -3.02 2.09 -5.97
CA SER A 196 -4.22 2.67 -5.36
C SER A 196 -3.93 3.23 -3.97
N GLY A 197 -3.23 2.45 -3.13
CA GLY A 197 -3.02 2.87 -1.76
C GLY A 197 -2.11 4.08 -1.64
N SER A 198 -1.11 4.17 -2.52
CA SER A 198 -0.22 5.33 -2.53
C SER A 198 -0.91 6.54 -3.14
N GLU A 199 -1.67 6.33 -4.22
CA GLU A 199 -2.37 7.43 -4.85
C GLU A 199 -3.39 8.05 -3.90
N ALA A 200 -4.02 7.23 -3.05
CA ALA A 200 -4.94 7.77 -2.05
C ALA A 200 -4.24 8.75 -1.13
N ILE A 201 -3.04 8.40 -0.67
CA ILE A 201 -2.28 9.31 0.17
C ILE A 201 -1.86 10.55 -0.63
N ALA A 202 -1.54 10.37 -1.92
CA ALA A 202 -1.19 11.51 -2.76
C ALA A 202 -2.35 12.49 -2.90
N HIS A 203 -3.56 11.98 -3.11
CA HIS A 203 -4.71 12.89 -3.23
C HIS A 203 -5.07 13.50 -1.88
N ALA A 204 -4.94 12.75 -0.78
CA ALA A 204 -5.17 13.34 0.53
C ALA A 204 -4.20 14.49 0.79
N TRP A 205 -2.93 14.32 0.40
CA TRP A 205 -1.96 15.40 0.53
C TRP A 205 -2.36 16.60 -0.33
N ARG A 206 -2.81 16.35 -1.57
CA ARG A 206 -3.30 17.43 -2.41
C ARG A 206 -4.50 18.13 -1.78
N GLN A 207 -5.43 17.35 -1.22
CA GLN A 207 -6.63 17.93 -0.62
C GLN A 207 -6.29 18.89 0.52
N ILE A 208 -5.18 18.64 1.21
CA ILE A 208 -4.77 19.50 2.33
C ILE A 208 -3.99 20.71 1.84
N VAL A 209 -3.01 20.50 0.96
CA VAL A 209 -2.17 21.62 0.52
C VAL A 209 -2.94 22.62 -0.34
N MET A 210 -4.07 22.21 -0.92
CA MET A 210 -4.93 23.12 -1.67
C MET A 210 -5.95 23.82 -0.80
N GLY A 211 -6.01 23.52 0.50
CA GLY A 211 -6.89 24.21 1.43
C GLY A 211 -8.24 23.57 1.65
N ASP A 212 -8.52 22.42 1.01
CA ASP A 212 -9.83 21.79 1.18
C ASP A 212 -9.95 21.04 2.49
N ALA A 213 -8.84 20.72 3.14
CA ALA A 213 -8.91 19.97 4.39
C ALA A 213 -7.65 20.25 5.20
N ASP A 214 -7.76 20.04 6.51
CA ASP A 214 -6.62 20.16 7.41
C ASP A 214 -6.15 18.82 7.96
N VAL A 215 -7.01 17.81 7.96
CA VAL A 215 -6.69 16.48 8.49
C VAL A 215 -7.33 15.45 7.57
N ALA A 216 -6.66 14.32 7.36
CA ALA A 216 -7.14 13.33 6.43
C ALA A 216 -6.73 11.93 6.87
N VAL A 217 -7.66 10.98 6.76
CA VAL A 217 -7.36 9.56 6.88
C VAL A 217 -7.20 9.00 5.48
N CYS A 218 -6.09 8.31 5.23
CA CYS A 218 -5.81 7.83 3.88
C CYS A 218 -5.07 6.50 3.91
N GLY A 219 -5.30 5.70 2.88
CA GLY A 219 -4.59 4.44 2.74
C GLY A 219 -5.24 3.56 1.70
N GLY A 220 -5.16 2.25 1.93
CA GLY A 220 -5.76 1.30 1.02
C GLY A 220 -6.19 0.01 1.68
N VAL A 221 -7.28 -0.56 1.18
CA VAL A 221 -7.77 -1.87 1.60
C VAL A 221 -7.82 -2.76 0.37
N GLU A 222 -7.91 -4.06 0.61
CA GLU A 222 -7.91 -5.04 -0.47
C GLU A 222 -8.43 -6.37 0.06
N GLY A 223 -9.06 -7.13 -0.85
CA GLY A 223 -9.67 -8.38 -0.48
C GLY A 223 -8.63 -9.45 -0.18
N PRO A 224 -9.13 -10.67 0.15
CA PRO A 224 -8.22 -11.76 0.52
C PRO A 224 -7.75 -12.58 -0.68
N ILE A 225 -6.86 -13.53 -0.42
CA ILE A 225 -6.36 -14.45 -1.44
C ILE A 225 -7.37 -15.56 -1.65
N GLU A 226 -7.67 -15.86 -2.92
CA GLU A 226 -8.56 -16.96 -3.24
C GLU A 226 -8.21 -17.44 -4.66
N ALA A 227 -8.93 -18.46 -5.14
CA ALA A 227 -8.55 -19.20 -6.33
C ALA A 227 -8.53 -18.32 -7.57
N LEU A 228 -9.64 -17.65 -7.88
CA LEU A 228 -9.68 -16.86 -9.11
C LEU A 228 -8.65 -15.75 -9.15
N PRO A 229 -8.44 -14.95 -8.08
CA PRO A 229 -7.33 -13.99 -8.14
C PRO A 229 -5.99 -14.62 -8.48
N ILE A 230 -5.69 -15.80 -7.91
CA ILE A 230 -4.45 -16.48 -8.25
C ILE A 230 -4.45 -16.91 -9.71
N ALA A 231 -5.57 -17.44 -10.20
CA ALA A 231 -5.65 -17.88 -11.59
C ALA A 231 -5.42 -16.73 -12.55
N ALA A 232 -6.05 -15.58 -12.29
CA ALA A 232 -5.98 -14.46 -13.21
C ALA A 232 -4.57 -13.88 -13.28
N PHE A 233 -3.92 -13.71 -12.13
CA PHE A 233 -2.59 -13.12 -12.11
C PHE A 233 -1.51 -14.11 -12.53
N SER A 234 -1.67 -15.39 -12.22
CA SER A 234 -0.62 -16.36 -12.56
C SER A 234 -0.67 -16.79 -14.02
N MET A 235 -1.78 -16.50 -14.76
CA MET A 235 -1.77 -16.75 -16.20
C MET A 235 -1.04 -15.68 -16.96
N MET A 236 -0.77 -14.55 -16.35
CA MET A 236 0.17 -13.57 -16.90
C MET A 236 1.62 -13.95 -16.65
N ARG A 237 1.86 -15.10 -16.02
CA ARG A 237 3.19 -15.49 -15.54
C ARG A 237 3.80 -14.42 -14.64
N ALA A 238 2.95 -13.79 -13.84
CA ALA A 238 3.38 -12.72 -12.95
C ALA A 238 3.68 -13.20 -11.53
N MET A 239 3.36 -14.44 -11.19
CA MET A 239 3.49 -14.94 -9.82
C MET A 239 4.58 -16.00 -9.72
N SER A 240 5.19 -16.08 -8.54
CA SER A 240 6.19 -17.09 -8.26
C SER A 240 5.53 -18.45 -8.02
N THR A 241 6.21 -19.51 -8.46
CA THR A 241 5.72 -20.88 -8.30
C THR A 241 6.63 -21.72 -7.40
N ARG A 242 7.42 -21.07 -6.55
CA ARG A 242 8.34 -21.76 -5.65
C ARG A 242 7.58 -22.23 -4.41
N ASN A 243 6.78 -23.28 -4.62
CA ASN A 243 5.92 -23.79 -3.55
C ASN A 243 6.68 -24.65 -2.54
N ASP A 244 7.88 -25.11 -2.87
CA ASP A 244 8.64 -25.94 -1.96
C ASP A 244 9.18 -25.14 -0.78
N GLU A 245 9.59 -23.90 -1.03
CA GLU A 245 10.15 -23.02 0.00
C GLU A 245 9.35 -21.72 0.00
N PRO A 246 8.22 -21.69 0.72
CA PRO A 246 7.34 -20.51 0.64
C PRO A 246 8.01 -19.18 0.92
N GLU A 247 8.84 -19.08 1.95
CA GLU A 247 9.43 -17.80 2.33
C GLU A 247 10.59 -17.38 1.45
N ARG A 248 11.09 -18.26 0.59
CA ARG A 248 12.15 -17.86 -0.34
C ARG A 248 11.63 -17.51 -1.72
N ALA A 249 10.30 -17.48 -1.90
CA ALA A 249 9.73 -17.28 -3.24
C ALA A 249 9.80 -15.82 -3.68
N SER A 250 9.43 -14.90 -2.80
CA SER A 250 9.45 -13.47 -3.14
C SER A 250 10.89 -12.97 -3.11
N ARG A 251 11.49 -12.78 -4.28
CA ARG A 251 12.91 -12.44 -4.40
C ARG A 251 13.11 -11.17 -5.22
N PRO A 252 12.70 -10.02 -4.69
CA PRO A 252 12.89 -8.76 -5.42
C PRO A 252 14.35 -8.46 -5.70
N PHE A 253 14.66 -8.17 -6.96
CA PHE A 253 15.98 -7.80 -7.46
C PHE A 253 16.98 -8.96 -7.44
N ASP A 254 16.53 -10.16 -7.08
CA ASP A 254 17.37 -11.35 -7.13
C ASP A 254 17.31 -11.99 -8.51
N LYS A 255 18.38 -12.74 -8.84
CA LYS A 255 18.46 -13.39 -10.14
C LYS A 255 17.48 -14.53 -10.28
N ASP A 256 17.14 -15.21 -9.19
CA ASP A 256 16.27 -16.38 -9.23
C ASP A 256 14.80 -16.03 -9.03
N ARG A 257 14.42 -14.76 -9.17
CA ARG A 257 13.03 -14.37 -8.99
C ARG A 257 12.18 -14.87 -10.15
N ASP A 258 10.91 -15.16 -9.85
CA ASP A 258 10.00 -15.66 -10.88
C ASP A 258 8.59 -15.11 -10.69
N GLY A 259 8.46 -13.88 -10.23
CA GLY A 259 7.17 -13.24 -10.05
C GLY A 259 6.92 -12.87 -8.60
N PHE A 260 5.72 -12.37 -8.34
CA PHE A 260 5.34 -11.91 -7.03
C PHE A 260 4.56 -12.98 -6.27
N VAL A 261 4.40 -12.74 -4.97
CA VAL A 261 3.61 -13.60 -4.10
CA VAL A 261 3.62 -13.60 -4.09
C VAL A 261 2.53 -12.76 -3.44
N PHE A 262 1.34 -13.32 -3.34
CA PHE A 262 0.25 -12.63 -2.67
C PHE A 262 0.52 -12.53 -1.18
N GLY A 263 0.29 -11.35 -0.62
CA GLY A 263 0.31 -11.16 0.82
C GLY A 263 -0.76 -10.18 1.23
N GLU A 264 -1.78 -10.66 1.97
CA GLU A 264 -2.90 -9.80 2.32
C GLU A 264 -2.45 -8.66 3.22
N ALA A 265 -3.10 -7.51 3.07
CA ALA A 265 -2.76 -6.36 3.89
C ALA A 265 -3.86 -5.32 3.79
N GLY A 266 -3.91 -4.46 4.79
CA GLY A 266 -4.68 -3.23 4.73
C GLY A 266 -3.95 -2.22 5.59
N ALA A 267 -4.01 -0.94 5.23
CA ALA A 267 -3.23 0.06 5.96
C ALA A 267 -3.86 1.44 5.78
N LEU A 268 -3.88 2.19 6.88
CA LEU A 268 -4.33 3.57 6.87
C LEU A 268 -3.36 4.40 7.70
N MET A 269 -3.22 5.67 7.33
CA MET A 269 -2.44 6.61 8.11
C MET A 269 -3.23 7.89 8.28
N LEU A 270 -2.87 8.66 9.31
CA LEU A 270 -3.48 9.93 9.59
C LEU A 270 -2.48 11.04 9.27
N ILE A 271 -2.84 11.89 8.32
CA ILE A 271 -2.00 13.03 7.98
C ILE A 271 -2.78 14.30 8.30
N GLU A 272 -2.03 15.36 8.58
CA GLU A 272 -2.62 16.64 8.95
C GLU A 272 -1.53 17.70 8.86
N THR A 273 -1.96 18.96 8.80
CA THR A 273 -0.99 20.06 8.81
C THR A 273 -0.22 20.06 10.12
N GLU A 274 1.00 20.59 10.07
CA GLU A 274 1.82 20.67 11.27
C GLU A 274 1.15 21.57 12.31
N GLU A 275 0.49 22.64 11.85
CA GLU A 275 -0.28 23.49 12.76
C GLU A 275 -1.37 22.70 13.46
N HIS A 276 -2.14 21.92 12.69
CA HIS A 276 -3.22 21.13 13.26
C HIS A 276 -2.68 20.11 14.25
N ALA A 277 -1.50 19.55 13.99
CA ALA A 277 -0.94 18.53 14.89
C ALA A 277 -0.45 19.15 16.19
N LYS A 278 0.19 20.32 16.11
CA LYS A 278 0.70 20.95 17.31
C LYS A 278 -0.41 21.51 18.18
N ALA A 279 -1.54 21.89 17.58
CA ALA A 279 -2.66 22.43 18.34
C ALA A 279 -3.43 21.37 19.12
N ARG A 280 -3.19 20.09 18.87
CA ARG A 280 -3.83 19.01 19.63
C ARG A 280 -2.83 18.15 20.37
N GLY A 281 -1.56 18.54 20.41
CA GLY A 281 -0.54 17.78 21.12
C GLY A 281 -0.19 16.44 20.50
N ALA A 282 -0.20 16.35 19.18
CA ALA A 282 0.09 15.10 18.49
C ALA A 282 1.56 15.04 18.11
N LYS A 283 2.22 13.94 18.49
CA LYS A 283 3.61 13.70 18.13
C LYS A 283 3.67 13.13 16.71
N PRO A 284 4.17 13.90 15.75
CA PRO A 284 4.21 13.41 14.37
C PRO A 284 5.30 12.37 14.18
N LEU A 285 5.02 11.38 13.34
CA LEU A 285 5.98 10.32 13.07
C LEU A 285 6.91 10.65 11.91
N ALA A 286 6.44 11.42 10.94
CA ALA A 286 7.24 11.79 9.77
C ALA A 286 6.54 12.96 9.08
N ARG A 287 7.16 13.43 8.00
CA ARG A 287 6.62 14.51 7.19
C ARG A 287 6.25 13.97 5.81
N LEU A 288 5.04 14.28 5.36
CA LEU A 288 4.61 14.00 4.00
C LEU A 288 4.94 15.22 3.15
N LEU A 289 5.94 15.10 2.29
CA LEU A 289 6.53 16.25 1.62
C LEU A 289 5.94 16.51 0.23
N GLY A 290 5.80 15.47 -0.59
CA GLY A 290 5.29 15.65 -1.94
C GLY A 290 4.85 14.35 -2.55
N ALA A 291 4.22 14.45 -3.72
CA ALA A 291 3.65 13.30 -4.40
C ALA A 291 3.64 13.54 -5.89
N GLY A 292 4.09 12.55 -6.66
CA GLY A 292 4.11 12.65 -8.11
C GLY A 292 3.35 11.52 -8.75
N ILE A 293 2.41 11.86 -9.65
CA ILE A 293 1.59 10.87 -10.34
C ILE A 293 1.82 11.05 -11.83
N THR A 294 2.39 10.05 -12.48
CA THR A 294 2.54 10.02 -13.92
C THR A 294 1.98 8.70 -14.43
N SER A 295 2.06 8.50 -15.74
CA SER A 295 1.59 7.27 -16.36
C SER A 295 2.51 6.89 -17.49
N ASP A 296 2.56 5.59 -17.79
CA ASP A 296 3.45 5.08 -18.83
C ASP A 296 2.86 5.25 -20.23
N ALA A 297 1.56 4.96 -20.39
CA ALA A 297 0.93 4.87 -21.71
C ALA A 297 1.75 3.97 -22.62
N PHE A 298 2.08 2.79 -22.10
CA PHE A 298 2.97 1.84 -22.75
C PHE A 298 2.31 0.49 -22.96
N HIS A 299 1.68 -0.06 -21.92
CA HIS A 299 1.12 -1.40 -21.98
C HIS A 299 0.11 -1.55 -20.86
N MET A 300 -0.87 -2.44 -21.08
CA MET A 300 -1.97 -2.58 -20.13
C MET A 300 -1.54 -3.25 -18.81
N VAL A 301 -0.43 -3.99 -18.80
CA VAL A 301 -0.01 -4.68 -17.57
CA VAL A 301 -0.01 -4.70 -17.60
C VAL A 301 1.50 -4.56 -17.40
N ALA A 302 2.26 -4.58 -18.49
CA ALA A 302 3.71 -4.52 -18.36
C ALA A 302 4.17 -3.08 -18.15
N PRO A 303 5.17 -2.86 -17.29
CA PRO A 303 5.75 -1.52 -17.18
C PRO A 303 6.72 -1.26 -18.32
N ALA A 304 6.90 0.02 -18.62
CA ALA A 304 7.90 0.41 -19.60
C ALA A 304 9.29 0.01 -19.10
N ALA A 305 9.93 -0.92 -19.83
CA ALA A 305 11.31 -1.29 -19.52
C ALA A 305 12.19 -0.06 -19.41
N ASP A 306 11.89 0.95 -20.22
CA ASP A 306 12.47 2.27 -20.20
C ASP A 306 12.56 2.85 -18.78
N GLY A 307 11.41 3.05 -18.14
CA GLY A 307 11.37 3.61 -16.80
C GLY A 307 11.42 5.12 -16.71
N VAL A 308 11.27 5.85 -17.82
CA VAL A 308 11.29 7.31 -17.74
C VAL A 308 10.12 7.84 -16.92
N ARG A 309 8.91 7.44 -17.28
CA ARG A 309 7.73 8.02 -16.63
C ARG A 309 7.65 7.63 -15.15
N ALA A 310 8.04 6.40 -14.81
CA ALA A 310 8.11 6.02 -13.41
C ALA A 310 9.12 6.87 -12.66
N GLY A 311 10.28 7.10 -13.27
CA GLY A 311 11.25 8.00 -12.66
C GLY A 311 10.76 9.44 -12.59
N ARG A 312 9.99 9.86 -13.59
CA ARG A 312 9.42 11.21 -13.57
C ARG A 312 8.49 11.41 -12.38
N ALA A 313 7.77 10.37 -11.97
CA ALA A 313 6.93 10.47 -10.78
C ALA A 313 7.78 10.69 -9.54
N MET A 314 8.93 10.03 -9.46
CA MET A 314 9.86 10.30 -8.37
C MET A 314 10.34 11.75 -8.43
N THR A 315 10.80 12.17 -9.62
CA THR A 315 11.26 13.55 -9.80
C THR A 315 10.17 14.55 -9.43
N ARG A 316 8.93 14.28 -9.86
CA ARG A 316 7.83 15.21 -9.58
C ARG A 316 7.60 15.35 -8.08
N SER A 317 7.68 14.24 -7.34
CA SER A 317 7.53 14.31 -5.89
C SER A 317 8.65 15.12 -5.25
N LEU A 318 9.84 15.12 -5.85
CA LEU A 318 10.93 15.94 -5.34
C LEU A 318 10.66 17.43 -5.59
N GLU A 319 10.16 17.77 -6.79
CA GLU A 319 9.86 19.17 -7.10
C GLU A 319 8.85 19.75 -6.12
N LEU A 320 7.78 19.00 -5.84
CA LEU A 320 6.78 19.48 -4.90
C LEU A 320 7.30 19.49 -3.48
N ALA A 321 8.22 18.57 -3.14
CA ALA A 321 8.81 18.57 -1.81
C ALA A 321 9.82 19.69 -1.64
N GLY A 322 10.50 20.08 -2.71
CA GLY A 322 11.59 21.03 -2.62
C GLY A 322 12.96 20.40 -2.45
N LEU A 323 13.12 19.15 -2.87
CA LEU A 323 14.35 18.40 -2.68
C LEU A 323 15.06 18.18 -4.00
N SER A 324 16.25 17.60 -3.92
CA SER A 324 17.02 17.16 -5.06
C SER A 324 17.34 15.68 -4.89
N PRO A 325 17.61 14.96 -5.98
CA PRO A 325 17.84 13.50 -5.86
C PRO A 325 18.98 13.14 -4.90
N ALA A 326 19.90 14.06 -4.62
CA ALA A 326 20.95 13.78 -3.65
C ALA A 326 20.44 13.73 -2.22
N ASP A 327 19.29 14.37 -1.93
CA ASP A 327 18.72 14.35 -0.59
C ASP A 327 18.08 13.00 -0.26
N ILE A 328 17.84 12.15 -1.26
CA ILE A 328 17.09 10.93 -1.05
C ILE A 328 18.04 9.86 -0.53
N ASP A 329 17.89 9.50 0.74
CA ASP A 329 18.72 8.47 1.36
C ASP A 329 18.14 7.08 1.23
N HIS A 330 16.84 6.95 0.95
CA HIS A 330 16.19 5.65 1.02
C HIS A 330 15.05 5.61 0.02
N VAL A 331 14.95 4.48 -0.67
CA VAL A 331 13.85 4.21 -1.58
C VAL A 331 13.17 2.93 -1.12
N ASN A 332 11.88 3.03 -0.79
CA ASN A 332 11.04 1.87 -0.55
C ASN A 332 10.48 1.46 -1.90
N ALA A 333 11.11 0.46 -2.51
CA ALA A 333 10.85 0.13 -3.90
C ALA A 333 9.48 -0.52 -4.06
N HIS A 334 8.94 -0.43 -5.28
CA HIS A 334 7.77 -1.22 -5.63
C HIS A 334 8.10 -2.71 -5.54
N GLY A 335 9.23 -3.11 -6.13
CA GLY A 335 9.80 -4.44 -6.00
C GLY A 335 8.84 -5.61 -5.89
N THR A 336 8.09 -5.90 -6.95
CA THR A 336 7.17 -7.03 -6.94
C THR A 336 7.89 -8.36 -7.06
N ALA A 337 9.12 -8.37 -7.60
CA ALA A 337 9.97 -9.53 -7.89
C ALA A 337 9.61 -10.16 -9.23
N THR A 338 8.80 -9.50 -10.05
CA THR A 338 8.66 -9.94 -11.43
C THR A 338 9.96 -9.60 -12.18
N PRO A 339 10.34 -10.44 -13.14
CA PRO A 339 11.57 -10.13 -13.90
C PRO A 339 11.53 -8.77 -14.56
N ILE A 340 10.44 -8.45 -15.28
CA ILE A 340 10.36 -7.19 -16.01
C ILE A 340 10.16 -6.00 -15.06
N GLY A 341 9.40 -6.17 -13.98
CA GLY A 341 9.09 -5.04 -13.11
C GLY A 341 10.30 -4.52 -12.36
N ASP A 342 11.07 -5.43 -11.77
CA ASP A 342 12.26 -5.01 -11.03
C ASP A 342 13.27 -4.33 -11.95
N ALA A 343 13.43 -4.83 -13.18
CA ALA A 343 14.34 -4.18 -14.11
C ALA A 343 13.85 -2.79 -14.49
N ALA A 344 12.53 -2.65 -14.72
CA ALA A 344 11.98 -1.34 -15.04
C ALA A 344 12.17 -0.35 -13.90
N GLU A 345 12.01 -0.81 -12.66
CA GLU A 345 12.18 0.09 -11.52
C GLU A 345 13.64 0.49 -11.35
N ALA A 346 14.56 -0.44 -11.60
CA ALA A 346 15.98 -0.11 -11.54
C ALA A 346 16.31 1.05 -12.48
N ASN A 347 15.79 1.00 -13.70
CA ASN A 347 15.99 2.13 -14.62
C ASN A 347 15.28 3.38 -14.12
N ALA A 348 14.10 3.22 -13.53
CA ALA A 348 13.36 4.36 -13.01
C ALA A 348 14.13 5.07 -11.91
N ILE A 349 14.65 4.30 -10.95
CA ILE A 349 15.42 4.90 -9.86
C ILE A 349 16.64 5.63 -10.41
N ARG A 350 17.33 5.02 -11.37
CA ARG A 350 18.48 5.67 -11.98
C ARG A 350 18.08 6.90 -12.78
N VAL A 351 16.95 6.83 -13.49
CA VAL A 351 16.48 7.99 -14.27
C VAL A 351 16.18 9.15 -13.33
N ALA A 352 15.59 8.87 -12.17
CA ALA A 352 15.30 9.91 -11.19
C ALA A 352 16.55 10.40 -10.46
N GLY A 353 17.68 9.73 -10.61
CA GLY A 353 18.90 10.14 -9.96
C GLY A 353 19.03 9.71 -8.52
N CYS A 354 18.30 8.68 -8.11
CA CYS A 354 18.32 8.20 -6.72
C CYS A 354 19.02 6.85 -6.61
N ASP A 355 19.93 6.55 -7.55
CA ASP A 355 20.56 5.24 -7.60
C ASP A 355 21.49 4.99 -6.41
N GLN A 356 21.90 6.04 -5.69
CA GLN A 356 22.79 5.86 -4.55
C GLN A 356 22.05 5.58 -3.26
N ALA A 357 20.72 5.67 -3.26
CA ALA A 357 19.96 5.51 -2.02
C ALA A 357 19.91 4.03 -1.61
N ALA A 358 19.62 3.82 -0.33
CA ALA A 358 19.44 2.48 0.20
C ALA A 358 18.04 1.99 -0.15
N VAL A 359 17.97 0.87 -0.87
CA VAL A 359 16.71 0.35 -1.40
C VAL A 359 16.19 -0.75 -0.49
N TYR A 360 14.88 -0.72 -0.24
CA TYR A 360 14.17 -1.79 0.47
C TYR A 360 12.99 -2.23 -0.36
N ALA A 361 12.78 -3.55 -0.44
CA ALA A 361 11.63 -4.14 -1.14
C ALA A 361 10.83 -4.97 -0.13
N PRO A 362 9.88 -4.34 0.57
CA PRO A 362 9.14 -5.08 1.62
C PRO A 362 8.29 -6.21 1.09
N LYS A 363 7.98 -6.24 -0.21
CA LYS A 363 7.23 -7.37 -0.75
C LYS A 363 8.00 -8.68 -0.67
N SER A 364 9.30 -8.61 -0.39
CA SER A 364 10.08 -9.80 -0.09
C SER A 364 9.55 -10.55 1.12
N ALA A 365 9.02 -9.83 2.10
CA ALA A 365 8.52 -10.44 3.33
C ALA A 365 7.01 -10.39 3.47
N LEU A 366 6.36 -9.35 2.95
CA LEU A 366 4.94 -9.13 3.14
C LEU A 366 4.11 -9.47 1.91
N GLY A 367 4.74 -9.70 0.76
CA GLY A 367 3.99 -10.00 -0.42
C GLY A 367 3.27 -8.77 -0.97
N HIS A 368 2.46 -9.04 -2.00
CA HIS A 368 1.77 -8.02 -2.77
C HIS A 368 0.30 -8.02 -2.37
N SER A 369 -0.21 -6.86 -1.94
CA SER A 369 -1.62 -6.71 -1.60
C SER A 369 -2.34 -5.73 -2.52
N ILE A 370 -1.82 -5.52 -3.73
CA ILE A 370 -2.48 -4.76 -4.78
C ILE A 370 -2.91 -3.39 -4.27
N GLY A 371 -4.22 -3.18 -4.12
CA GLY A 371 -4.75 -1.88 -3.78
C GLY A 371 -4.32 -1.35 -2.43
N ALA A 372 -3.83 -2.22 -1.54
CA ALA A 372 -3.44 -1.79 -0.21
C ALA A 372 -1.94 -1.60 -0.05
N VAL A 373 -1.13 -2.22 -0.93
CA VAL A 373 0.29 -2.36 -0.63
C VAL A 373 1.00 -1.00 -0.66
N GLY A 374 0.57 -0.09 -1.52
CA GLY A 374 1.16 1.23 -1.55
C GLY A 374 0.99 1.95 -0.23
N ALA A 375 -0.20 1.80 0.39
CA ALA A 375 -0.43 2.38 1.71
C ALA A 375 0.42 1.69 2.77
N LEU A 376 0.48 0.35 2.73
CA LEU A 376 1.28 -0.37 3.71
C LEU A 376 2.75 0.02 3.62
N GLU A 377 3.29 0.07 2.41
CA GLU A 377 4.69 0.46 2.24
C GLU A 377 4.93 1.92 2.60
N SER A 378 3.92 2.79 2.45
CA SER A 378 4.04 4.16 2.94
C SER A 378 4.21 4.19 4.46
N VAL A 379 3.48 3.32 5.18
CA VAL A 379 3.65 3.24 6.62
C VAL A 379 5.05 2.75 6.96
N LEU A 380 5.51 1.69 6.27
CA LEU A 380 6.86 1.19 6.49
C LEU A 380 7.90 2.27 6.20
N THR A 381 7.65 3.11 5.19
CA THR A 381 8.56 4.21 4.91
C THR A 381 8.62 5.19 6.07
N VAL A 382 7.45 5.54 6.61
CA VAL A 382 7.40 6.41 7.79
C VAL A 382 8.15 5.79 8.95
N LEU A 383 7.93 4.48 9.19
CA LEU A 383 8.60 3.83 10.31
C LEU A 383 10.10 3.78 10.11
N THR A 384 10.55 3.60 8.86
CA THR A 384 11.98 3.60 8.58
C THR A 384 12.59 4.95 8.88
N LEU A 385 11.89 6.04 8.57
CA LEU A 385 12.40 7.37 8.87
C LEU A 385 12.39 7.66 10.36
N ARG A 386 11.38 7.17 11.08
CA ARG A 386 11.28 7.47 12.52
C ARG A 386 12.38 6.78 13.31
N ASP A 387 12.61 5.50 13.04
CA ASP A 387 13.57 4.70 13.80
C ASP A 387 14.94 4.63 13.13
N GLY A 388 15.11 5.25 11.97
CA GLY A 388 16.41 5.26 11.31
C GLY A 388 16.95 3.89 10.99
N VAL A 389 16.09 2.99 10.49
CA VAL A 389 16.49 1.62 10.22
C VAL A 389 15.67 1.09 9.05
N ILE A 390 16.30 0.26 8.23
CA ILE A 390 15.67 -0.36 7.08
C ILE A 390 15.72 -1.87 7.25
N PRO A 391 14.60 -2.57 7.23
CA PRO A 391 14.61 -4.04 7.35
C PRO A 391 15.32 -4.67 6.16
N PRO A 392 15.80 -5.90 6.31
CA PRO A 392 16.49 -6.55 5.19
C PRO A 392 15.52 -7.04 4.12
N THR A 393 15.92 -6.87 2.87
CA THR A 393 15.16 -7.46 1.77
C THR A 393 15.39 -8.97 1.79
N LEU A 394 14.35 -9.74 2.09
CA LEU A 394 14.47 -11.19 2.16
C LEU A 394 14.85 -11.77 0.80
N ASN A 395 15.57 -12.89 0.84
CA ASN A 395 15.86 -13.71 -0.34
C ASN A 395 16.75 -13.01 -1.36
N TYR A 396 17.40 -11.91 -0.95
CA TYR A 396 18.34 -11.19 -1.80
C TYR A 396 19.72 -11.81 -1.60
N GLU A 397 19.99 -12.87 -2.36
CA GLU A 397 21.21 -13.66 -2.20
C GLU A 397 22.15 -13.55 -3.40
N THR A 398 21.62 -13.67 -4.61
CA THR A 398 22.41 -13.53 -5.84
C THR A 398 21.90 -12.31 -6.59
N PRO A 399 22.48 -11.14 -6.35
CA PRO A 399 22.03 -9.92 -7.03
C PRO A 399 22.15 -10.04 -8.54
N ASP A 400 21.09 -9.64 -9.24
CA ASP A 400 21.04 -9.73 -10.70
C ASP A 400 22.05 -8.74 -11.30
N PRO A 401 22.93 -9.20 -12.21
CA PRO A 401 24.02 -8.32 -12.68
C PRO A 401 23.56 -6.99 -13.27
N GLU A 402 22.50 -6.98 -14.07
CA GLU A 402 22.05 -5.72 -14.66
C GLU A 402 21.16 -4.92 -13.72
N ILE A 403 20.95 -5.37 -12.50
CA ILE A 403 20.31 -4.57 -11.45
C ILE A 403 21.38 -4.28 -10.41
N ASP A 404 21.98 -3.11 -10.50
CA ASP A 404 23.01 -2.67 -9.56
C ASP A 404 22.40 -1.61 -8.65
N LEU A 405 21.84 -2.06 -7.53
CA LEU A 405 21.23 -1.17 -6.55
C LEU A 405 21.75 -1.51 -5.16
N ASP A 406 21.63 -0.53 -4.25
CA ASP A 406 22.05 -0.69 -2.87
C ASP A 406 20.90 -1.31 -2.08
N VAL A 407 20.70 -2.61 -2.28
CA VAL A 407 19.60 -3.34 -1.67
C VAL A 407 20.00 -3.77 -0.26
N VAL A 408 19.31 -3.24 0.74
CA VAL A 408 19.54 -3.64 2.12
C VAL A 408 19.19 -5.11 2.29
N ALA A 409 20.12 -5.90 2.83
CA ALA A 409 19.93 -7.34 2.95
C ALA A 409 20.70 -7.87 4.14
N GLY A 410 20.40 -9.11 4.50
CA GLY A 410 21.06 -9.79 5.60
C GLY A 410 20.51 -9.44 6.96
N GLU A 411 20.73 -8.19 7.38
CA GLU A 411 20.30 -7.68 8.67
C GLU A 411 19.76 -6.28 8.44
N PRO A 412 18.99 -5.74 9.39
CA PRO A 412 18.56 -4.34 9.28
C PRO A 412 19.75 -3.41 9.23
N ARG A 413 19.69 -2.42 8.34
CA ARG A 413 20.74 -1.41 8.21
C ARG A 413 20.27 -0.13 8.91
N TYR A 414 20.96 0.21 10.01
CA TYR A 414 20.71 1.48 10.69
C TYR A 414 21.46 2.59 9.99
N GLY A 415 20.79 3.71 9.75
CA GLY A 415 21.40 4.78 8.99
C GLY A 415 20.72 6.11 9.23
N ASP A 416 21.42 7.17 8.84
CA ASP A 416 20.90 8.54 8.97
C ASP A 416 20.02 8.82 7.75
N TYR A 417 18.81 8.27 7.79
CA TYR A 417 17.84 8.45 6.71
C TYR A 417 17.04 9.72 6.97
N ARG A 418 17.26 10.73 6.14
CA ARG A 418 16.64 12.05 6.30
C ARG A 418 15.45 12.25 5.38
N TYR A 419 15.50 11.73 4.16
CA TYR A 419 14.40 11.82 3.21
C TYR A 419 14.29 10.49 2.46
N ALA A 420 13.06 10.04 2.25
CA ALA A 420 12.82 8.76 1.60
C ALA A 420 11.69 8.90 0.60
N VAL A 421 11.71 8.02 -0.41
CA VAL A 421 10.69 7.99 -1.46
C VAL A 421 10.13 6.59 -1.54
N ASN A 422 8.81 6.46 -1.45
CA ASN A 422 8.12 5.19 -1.64
C ASN A 422 7.56 5.12 -3.05
N ASN A 423 7.78 3.99 -3.72
CA ASN A 423 7.42 3.80 -5.12
C ASN A 423 6.26 2.84 -5.25
N SER A 424 5.34 3.14 -6.18
CA SER A 424 4.23 2.25 -6.53
C SER A 424 4.01 2.34 -8.03
N PHE A 425 4.19 1.22 -8.73
CA PHE A 425 4.01 1.14 -10.19
C PHE A 425 2.97 0.07 -10.47
N GLY A 426 1.71 0.47 -10.56
CA GLY A 426 0.63 -0.48 -10.70
C GLY A 426 0.36 -0.90 -12.13
N PHE A 427 -0.33 -2.04 -12.25
CA PHE A 427 -0.77 -2.52 -13.55
C PHE A 427 -1.67 -1.49 -14.22
N GLY A 428 -1.43 -1.25 -15.50
CA GLY A 428 -2.05 -0.15 -16.22
C GLY A 428 -1.11 1.01 -16.48
N GLY A 429 0.08 1.00 -15.90
CA GLY A 429 1.03 2.07 -16.10
C GLY A 429 0.90 3.23 -15.14
N HIS A 430 0.34 3.02 -13.96
CA HIS A 430 0.13 4.10 -13.00
C HIS A 430 1.31 4.18 -12.05
N ASN A 431 2.00 5.31 -12.06
CA ASN A 431 3.20 5.52 -11.27
C ASN A 431 2.92 6.59 -10.21
N VAL A 432 3.06 6.22 -8.95
CA VAL A 432 2.89 7.12 -7.82
C VAL A 432 4.18 7.10 -7.01
N ALA A 433 4.68 8.28 -6.67
CA ALA A 433 5.85 8.40 -5.82
C ALA A 433 5.54 9.37 -4.69
N LEU A 434 5.74 8.92 -3.45
CA LEU A 434 5.50 9.74 -2.27
C LEU A 434 6.84 10.07 -1.61
N ALA A 435 7.08 11.35 -1.36
CA ALA A 435 8.32 11.82 -0.74
C ALA A 435 8.06 12.07 0.75
N PHE A 436 8.81 11.38 1.60
CA PHE A 436 8.67 11.48 3.04
C PHE A 436 9.97 11.99 3.65
N GLY A 437 9.83 12.72 4.74
CA GLY A 437 10.98 13.22 5.47
C GLY A 437 10.85 12.95 6.96
N ARG A 438 11.98 12.71 7.60
CA ARG A 438 12.00 12.51 9.04
C ARG A 438 11.63 13.81 9.75
N TYR A 439 10.79 13.70 10.77
CA TYR A 439 10.41 14.85 11.57
C TYR A 439 11.51 15.19 12.57
#